data_9GWA
#
_entry.id   9GWA
#
_cell.length_a   62.07
_cell.length_b   69.8
_cell.length_c   114.88
_cell.angle_alpha   90
_cell.angle_beta   90
_cell.angle_gamma   90
#
_symmetry.space_group_name_H-M   'P 21 21 21'
#
loop_
_entity.id
_entity.type
_entity.pdbx_description
1 polymer 'Nicotinamide N-methyltransferase'
2 non-polymer S-ADENOSYL-L-HOMOCYSTEINE
3 non-polymer 3,4-dihydroisoquinolin-1-amine
4 water water
#
_entity_poly.entity_id   1
_entity_poly.type   'polypeptide(L)'
_entity_poly.pdbx_seq_one_letter_code
;HNHNHNHNHNHNAAAENLYFQSGFTSKDTYLSHFNPRDYLEKYYKFGSRHSAESQILKHLLKNLFKIFCLDGVKGDLLID
IGSGPTIYQLLSACESFKEIVVTDYSDQNLQELEKWLKAAPAAFDWSPVVTYVCDLEGNRVKGPEKEEKLRQAVKQVLKC
DVTQSQPLGAVPLPPADCVLSTLCLDAACPDLPTYCRALRNLGSLLKPGGFLVIMDALKSSYYMIGEQKFSSLPLGREAV
EAAVKEAGYTIEWFEVISQSYSSTMANNEGLFSLVARKLS
;
_entity_poly.pdbx_strand_id   A,B
#
loop_
_chem_comp.id
_chem_comp.type
_chem_comp.name
_chem_comp.formula
A1IQR non-polymer 3,4-dihydroisoquinolin-1-amine 'C9 H10 N2'
SAH non-polymer S-ADENOSYL-L-HOMOCYSTEINE 'C14 H20 N6 O5 S'
#
# COMPACT_ATOMS: atom_id res chain seq x y z
N GLY A 23 14.38 -9.03 -31.18
CA GLY A 23 12.93 -8.91 -31.02
C GLY A 23 12.51 -7.88 -29.98
N PHE A 24 13.45 -7.05 -29.48
CA PHE A 24 13.17 -6.03 -28.46
C PHE A 24 13.74 -4.70 -28.90
N THR A 25 13.02 -3.60 -28.59
CA THR A 25 13.43 -2.21 -28.85
C THR A 25 14.93 -2.07 -28.55
N SER A 26 15.70 -1.51 -29.50
CA SER A 26 17.12 -1.26 -29.31
C SER A 26 17.28 -0.04 -28.39
N LYS A 27 18.35 -0.04 -27.59
CA LYS A 27 18.70 1.02 -26.62
C LYS A 27 18.70 2.38 -27.30
N ASP A 28 19.36 2.48 -28.47
CA ASP A 28 19.47 3.70 -29.26
C ASP A 28 18.11 4.30 -29.70
N THR A 29 17.01 3.51 -29.70
CA THR A 29 15.67 3.99 -30.05
C THR A 29 15.21 4.99 -28.99
N TYR A 30 15.65 4.81 -27.73
CA TYR A 30 15.33 5.71 -26.63
C TYR A 30 15.92 7.09 -26.81
N LEU A 31 17.10 7.18 -27.47
CA LEU A 31 17.75 8.45 -27.72
C LEU A 31 17.00 9.29 -28.75
N SER A 32 16.56 8.63 -29.83
CA SER A 32 15.95 9.28 -30.98
C SER A 32 14.44 9.34 -31.04
N HIS A 33 13.75 8.21 -30.71
CA HIS A 33 12.32 8.07 -30.95
C HIS A 33 11.40 8.14 -29.73
N PHE A 34 11.94 8.31 -28.50
CA PHE A 34 11.13 8.46 -27.31
C PHE A 34 10.90 9.96 -27.19
N ASN A 35 9.71 10.46 -27.58
CA ASN A 35 9.38 11.89 -27.52
C ASN A 35 8.97 12.30 -26.08
N PRO A 36 9.82 13.06 -25.33
CA PRO A 36 9.48 13.36 -23.93
C PRO A 36 8.16 14.07 -23.71
N ARG A 37 7.89 15.14 -24.47
CA ARG A 37 6.64 15.88 -24.34
C ARG A 37 5.41 15.03 -24.65
N ASP A 38 5.48 14.20 -25.71
CA ASP A 38 4.38 13.32 -26.11
C ASP A 38 4.09 12.25 -25.03
N TYR A 39 5.16 11.71 -24.40
CA TYR A 39 5.03 10.76 -23.30
C TYR A 39 4.23 11.42 -22.15
N LEU A 40 4.60 12.67 -21.79
CA LEU A 40 3.97 13.44 -20.72
C LEU A 40 2.52 13.75 -21.02
N GLU A 41 2.22 14.10 -22.28
CA GLU A 41 0.86 14.38 -22.72
C GLU A 41 -0.02 13.13 -22.64
N LYS A 42 0.53 11.97 -23.07
CA LYS A 42 -0.20 10.70 -23.12
C LYS A 42 -0.44 10.03 -21.79
N TYR A 43 0.49 10.14 -20.84
CA TYR A 43 0.41 9.40 -19.60
C TYR A 43 0.25 10.21 -18.33
N TYR A 44 0.67 11.48 -18.34
CA TYR A 44 0.73 12.28 -17.14
C TYR A 44 0.01 13.64 -17.19
N LYS A 45 -0.88 13.86 -18.19
CA LYS A 45 -1.62 15.13 -18.29
C LYS A 45 -2.61 15.34 -17.11
N PHE A 46 -3.12 14.22 -16.51
CA PHE A 46 -4.01 14.18 -15.34
C PHE A 46 -5.28 15.01 -15.58
N GLY A 47 -5.91 14.76 -16.73
CA GLY A 47 -7.12 15.43 -17.19
C GLY A 47 -8.35 15.18 -16.34
N SER A 48 -9.39 16.02 -16.52
CA SER A 48 -10.68 15.98 -15.82
C SER A 48 -11.38 14.62 -15.87
N ARG A 49 -11.29 13.92 -17.01
CA ARG A 49 -11.88 12.59 -17.20
C ARG A 49 -11.07 11.54 -16.42
N HIS A 50 -11.77 10.65 -15.69
CA HIS A 50 -11.20 9.57 -14.88
C HIS A 50 -10.56 8.46 -15.73
N SER A 51 -9.43 8.77 -16.40
CA SER A 51 -8.70 7.81 -17.25
C SER A 51 -7.99 6.72 -16.44
N ALA A 52 -7.61 5.62 -17.12
CA ALA A 52 -6.86 4.51 -16.52
C ALA A 52 -5.47 5.07 -16.11
N GLU A 53 -4.90 5.98 -16.94
CA GLU A 53 -3.59 6.59 -16.71
C GLU A 53 -3.59 7.43 -15.43
N SER A 54 -4.69 8.17 -15.18
CA SER A 54 -4.80 8.98 -13.96
C SER A 54 -5.04 8.12 -12.72
N GLN A 55 -5.78 6.99 -12.84
CA GLN A 55 -6.03 6.06 -11.72
C GLN A 55 -4.70 5.41 -11.30
N ILE A 56 -3.83 5.11 -12.29
CA ILE A 56 -2.51 4.52 -12.04
C ILE A 56 -1.62 5.54 -11.35
N LEU A 57 -1.58 6.78 -11.88
CA LEU A 57 -0.77 7.88 -11.34
C LEU A 57 -1.13 8.21 -9.88
N LYS A 58 -2.43 8.22 -9.56
CA LYS A 58 -2.95 8.45 -8.21
C LYS A 58 -2.46 7.34 -7.26
N HIS A 59 -2.48 6.08 -7.73
CA HIS A 59 -2.03 4.97 -6.89
C HIS A 59 -0.54 5.01 -6.65
N LEU A 60 0.27 5.27 -7.71
CA LEU A 60 1.72 5.39 -7.57
C LEU A 60 2.07 6.48 -6.54
N LEU A 61 1.37 7.64 -6.61
CA LEU A 61 1.57 8.76 -5.68
C LEU A 61 1.26 8.39 -4.22
N LYS A 62 0.23 7.55 -4.01
CA LYS A 62 -0.16 7.08 -2.67
C LYS A 62 0.93 6.23 -2.05
N ASN A 63 1.52 5.33 -2.86
CA ASN A 63 2.59 4.42 -2.42
C ASN A 63 3.86 5.19 -2.12
N LEU A 64 4.24 6.14 -3.01
CA LEU A 64 5.41 6.99 -2.83
C LEU A 64 5.28 7.84 -1.56
N PHE A 65 4.06 8.40 -1.30
CA PHE A 65 3.76 9.15 -0.08
C PHE A 65 3.98 8.26 1.13
N LYS A 66 3.40 7.03 1.10
CA LYS A 66 3.54 6.06 2.19
C LYS A 66 5.01 5.68 2.44
N ILE A 67 5.79 5.41 1.38
CA ILE A 67 7.20 4.99 1.47
C ILE A 67 8.08 6.07 2.12
N PHE A 68 8.03 7.29 1.57
CA PHE A 68 8.93 8.35 1.96
C PHE A 68 8.44 9.14 3.16
N CYS A 69 7.14 9.34 3.31
CA CYS A 69 6.63 10.13 4.44
C CYS A 69 6.14 9.28 5.61
N LEU A 70 5.39 8.20 5.36
CA LEU A 70 4.87 7.33 6.43
C LEU A 70 5.91 6.35 6.96
N ASP A 71 6.63 5.66 6.04
CA ASP A 71 7.70 4.73 6.42
C ASP A 71 8.97 5.57 6.64
N GLY A 72 10.02 4.93 7.12
CA GLY A 72 11.29 5.61 7.41
C GLY A 72 12.29 5.66 6.27
N VAL A 73 11.82 5.67 5.00
CA VAL A 73 12.73 5.74 3.85
C VAL A 73 13.20 7.18 3.70
N LYS A 74 14.42 7.41 4.17
CA LYS A 74 15.08 8.72 4.26
C LYS A 74 16.59 8.56 4.16
N GLY A 75 17.27 9.68 4.03
CA GLY A 75 18.73 9.69 3.98
C GLY A 75 19.29 10.95 3.36
N ASP A 76 20.59 10.93 3.10
CA ASP A 76 21.27 12.05 2.49
C ASP A 76 21.08 11.99 0.98
N LEU A 77 21.07 10.78 0.40
CA LEU A 77 20.97 10.61 -1.05
C LEU A 77 19.97 9.56 -1.54
N LEU A 78 19.16 9.95 -2.53
CA LEU A 78 18.24 9.11 -3.29
C LEU A 78 18.65 9.20 -4.78
N ILE A 79 18.82 8.07 -5.46
CA ILE A 79 19.11 8.06 -6.89
C ILE A 79 17.84 7.54 -7.59
N ASP A 80 17.28 8.35 -8.50
CA ASP A 80 16.13 7.94 -9.31
C ASP A 80 16.67 7.41 -10.63
N ILE A 81 16.45 6.10 -10.88
CA ILE A 81 16.91 5.39 -12.08
C ILE A 81 15.85 5.39 -13.20
N GLY A 82 16.23 5.89 -14.38
CA GLY A 82 15.30 5.93 -15.53
C GLY A 82 14.12 6.85 -15.33
N SER A 83 14.40 8.04 -14.79
CA SER A 83 13.49 9.16 -14.49
C SER A 83 12.58 9.54 -15.66
N GLY A 84 13.09 9.35 -16.89
CA GLY A 84 12.43 9.80 -18.10
C GLY A 84 12.27 11.30 -18.00
N PRO A 85 11.16 11.88 -18.50
CA PRO A 85 10.98 13.33 -18.33
C PRO A 85 10.07 13.66 -17.12
N THR A 86 9.80 12.68 -16.24
CA THR A 86 8.84 12.88 -15.14
C THR A 86 9.45 13.28 -13.80
N ILE A 87 8.64 14.00 -13.00
CA ILE A 87 9.03 14.40 -11.64
C ILE A 87 8.03 13.90 -10.57
N TYR A 88 6.88 13.33 -10.98
CA TYR A 88 5.85 12.83 -10.06
C TYR A 88 6.40 11.88 -8.98
N GLN A 89 7.40 11.03 -9.34
CA GLN A 89 8.00 10.04 -8.46
C GLN A 89 8.94 10.64 -7.41
N LEU A 90 9.15 11.97 -7.44
CA LEU A 90 10.07 12.64 -6.53
C LEU A 90 9.40 13.60 -5.54
N LEU A 91 8.12 13.93 -5.77
CA LEU A 91 7.39 14.91 -4.97
C LEU A 91 7.35 14.55 -3.48
N SER A 92 7.10 13.29 -3.10
CA SER A 92 7.14 12.89 -1.68
C SER A 92 8.57 12.65 -1.17
N ALA A 93 9.45 12.14 -2.06
CA ALA A 93 10.86 11.85 -1.77
C ALA A 93 11.68 13.07 -1.31
N CYS A 94 11.35 14.28 -1.81
CA CYS A 94 12.11 15.50 -1.48
C CYS A 94 11.90 15.96 -0.02
N GLU A 95 10.93 15.35 0.66
CA GLU A 95 10.63 15.60 2.07
C GLU A 95 11.54 14.78 2.96
N SER A 96 12.15 13.72 2.38
CA SER A 96 12.96 12.78 3.15
C SER A 96 14.42 12.65 2.73
N PHE A 97 14.82 13.22 1.57
CA PHE A 97 16.21 13.13 1.15
C PHE A 97 16.82 14.49 0.95
N LYS A 98 18.05 14.70 1.47
CA LYS A 98 18.77 15.98 1.32
C LYS A 98 19.04 16.25 -0.15
N GLU A 99 19.40 15.19 -0.91
CA GLU A 99 19.70 15.28 -2.32
C GLU A 99 19.07 14.14 -3.11
N ILE A 100 18.56 14.47 -4.30
CA ILE A 100 17.95 13.55 -5.27
C ILE A 100 18.73 13.68 -6.55
N VAL A 101 19.25 12.56 -7.06
CA VAL A 101 19.95 12.51 -8.34
C VAL A 101 19.01 11.85 -9.37
N VAL A 102 18.67 12.57 -10.44
CA VAL A 102 17.79 12.09 -11.53
C VAL A 102 18.63 11.54 -12.68
N THR A 103 18.26 10.38 -13.21
CA THR A 103 19.03 9.71 -14.26
C THR A 103 18.15 9.14 -15.37
N ASP A 104 18.68 9.06 -16.59
CA ASP A 104 17.98 8.45 -17.74
C ASP A 104 18.94 8.10 -18.88
N TYR A 105 18.58 7.10 -19.70
CA TYR A 105 19.38 6.75 -20.86
C TYR A 105 19.27 7.85 -21.93
N SER A 106 18.07 8.47 -22.06
CA SER A 106 17.80 9.52 -23.05
C SER A 106 18.19 10.92 -22.58
N ASP A 107 19.06 11.59 -23.37
CA ASP A 107 19.54 12.96 -23.15
C ASP A 107 18.39 13.93 -23.38
N GLN A 108 17.51 13.61 -24.37
CA GLN A 108 16.31 14.36 -24.71
C GLN A 108 15.37 14.38 -23.48
N ASN A 109 15.26 13.24 -22.74
CA ASN A 109 14.47 13.14 -21.51
C ASN A 109 15.04 14.01 -20.40
N LEU A 110 16.36 13.98 -20.24
CA LEU A 110 17.05 14.79 -19.23
C LEU A 110 16.91 16.30 -19.50
N GLN A 111 16.82 16.70 -20.78
CA GLN A 111 16.63 18.08 -21.20
C GLN A 111 15.24 18.58 -20.81
N GLU A 112 14.21 17.72 -20.98
CA GLU A 112 12.82 18.01 -20.58
C GLU A 112 12.72 18.13 -19.04
N LEU A 113 13.46 17.28 -18.31
CA LEU A 113 13.53 17.31 -16.84
C LEU A 113 14.10 18.66 -16.42
N GLU A 114 15.27 19.02 -16.98
CA GLU A 114 16.03 20.25 -16.78
C GLU A 114 15.16 21.48 -17.06
N LYS A 115 14.27 21.41 -18.09
CA LYS A 115 13.35 22.50 -18.44
C LYS A 115 12.39 22.78 -17.27
N TRP A 116 11.93 21.71 -16.57
CA TRP A 116 11.05 21.86 -15.42
C TRP A 116 11.83 22.34 -14.20
N LEU A 117 12.99 21.73 -13.95
CA LEU A 117 13.90 22.04 -12.85
C LEU A 117 14.26 23.52 -12.78
N LYS A 118 14.50 24.15 -13.95
CA LYS A 118 14.85 25.57 -14.10
C LYS A 118 13.61 26.48 -14.11
N ALA A 119 12.40 25.90 -14.00
CA ALA A 119 11.09 26.58 -14.02
C ALA A 119 10.84 27.41 -15.30
N ALA A 120 11.26 26.85 -16.46
CA ALA A 120 11.09 27.48 -17.78
C ALA A 120 9.59 27.55 -18.17
N PRO A 121 9.15 28.53 -19.01
CA PRO A 121 7.71 28.59 -19.37
C PRO A 121 7.22 27.44 -20.27
N ALA A 122 8.14 26.84 -21.06
CA ALA A 122 7.89 25.74 -21.99
C ALA A 122 7.96 24.36 -21.29
N ALA A 123 8.10 24.34 -19.96
CA ALA A 123 8.16 23.12 -19.17
C ALA A 123 6.76 22.53 -19.02
N PHE A 124 6.69 21.24 -18.65
CA PHE A 124 5.40 20.58 -18.47
C PHE A 124 4.70 21.11 -17.22
N ASP A 125 3.38 21.27 -17.32
CA ASP A 125 2.57 21.74 -16.20
C ASP A 125 2.25 20.58 -15.24
N TRP A 126 3.01 20.50 -14.13
CA TRP A 126 2.83 19.45 -13.12
C TRP A 126 1.85 19.85 -11.99
N SER A 127 1.30 21.10 -12.03
CA SER A 127 0.40 21.65 -11.01
C SER A 127 -0.78 20.73 -10.57
N PRO A 128 -1.53 19.98 -11.41
CA PRO A 128 -2.56 19.08 -10.85
C PRO A 128 -2.00 17.90 -10.05
N VAL A 129 -0.73 17.50 -10.31
CA VAL A 129 -0.07 16.38 -9.63
C VAL A 129 0.54 16.90 -8.31
N VAL A 130 1.20 18.06 -8.36
CA VAL A 130 1.80 18.74 -7.22
C VAL A 130 0.74 18.97 -6.11
N THR A 131 -0.46 19.43 -6.52
CA THR A 131 -1.62 19.72 -5.66
C THR A 131 -2.10 18.42 -4.98
N TYR A 132 -2.20 17.33 -5.77
CA TYR A 132 -2.64 16.03 -5.31
C TYR A 132 -1.72 15.52 -4.18
N VAL A 133 -0.39 15.66 -4.37
CA VAL A 133 0.65 15.28 -3.39
C VAL A 133 0.50 16.11 -2.10
N CYS A 134 0.32 17.45 -2.22
CA CYS A 134 0.12 18.35 -1.08
C CYS A 134 -1.11 17.95 -0.28
N ASP A 135 -2.20 17.54 -0.99
CA ASP A 135 -3.44 17.02 -0.42
C ASP A 135 -3.14 15.76 0.40
N LEU A 136 -2.51 14.73 -0.24
CA LEU A 136 -2.10 13.47 0.42
C LEU A 136 -1.31 13.71 1.71
N GLU A 137 -0.32 14.64 1.66
CA GLU A 137 0.60 14.95 2.77
C GLU A 137 -0.01 15.72 3.97
N GLY A 138 -1.31 16.02 3.91
CA GLY A 138 -2.01 16.70 5.00
C GLY A 138 -2.12 18.20 4.86
N ASN A 139 -1.97 18.72 3.61
CA ASN A 139 -2.03 20.14 3.25
C ASN A 139 -1.15 21.03 4.14
N ARG A 140 0.04 20.49 4.53
CA ARG A 140 1.05 21.17 5.35
C ARG A 140 1.67 22.35 4.57
N VAL A 141 1.73 22.22 3.22
CA VAL A 141 2.30 23.19 2.29
C VAL A 141 1.39 23.36 1.05
N LYS A 142 1.69 24.37 0.21
CA LYS A 142 0.97 24.63 -1.03
C LYS A 142 1.90 24.34 -2.22
N GLY A 143 1.32 24.25 -3.42
CA GLY A 143 2.02 23.96 -4.69
C GLY A 143 3.37 24.63 -4.88
N PRO A 144 3.47 25.99 -4.81
CA PRO A 144 4.78 26.66 -5.01
C PRO A 144 5.88 26.26 -4.02
N GLU A 145 5.52 26.05 -2.74
CA GLU A 145 6.48 25.65 -1.70
C GLU A 145 7.00 24.21 -1.95
N LYS A 146 6.08 23.32 -2.41
CA LYS A 146 6.34 21.92 -2.71
C LYS A 146 7.34 21.81 -3.87
N GLU A 147 7.07 22.56 -4.97
CA GLU A 147 7.90 22.61 -6.17
C GLU A 147 9.32 23.08 -5.85
N GLU A 148 9.44 24.09 -4.97
CA GLU A 148 10.71 24.66 -4.55
C GLU A 148 11.60 23.67 -3.76
N LYS A 149 11.00 22.85 -2.88
CA LYS A 149 11.76 21.87 -2.09
C LYS A 149 12.40 20.82 -3.02
N LEU A 150 11.67 20.40 -4.07
CA LEU A 150 12.15 19.42 -5.05
C LEU A 150 13.27 19.98 -5.92
N ARG A 151 13.09 21.19 -6.46
CA ARG A 151 14.08 21.90 -7.29
C ARG A 151 15.38 22.08 -6.51
N GLN A 152 15.28 22.35 -5.20
CA GLN A 152 16.44 22.51 -4.34
C GLN A 152 17.10 21.16 -4.05
N ALA A 153 16.31 20.07 -4.06
CA ALA A 153 16.80 18.71 -3.80
C ALA A 153 17.57 18.15 -4.98
N VAL A 154 17.19 18.49 -6.23
CA VAL A 154 17.87 17.96 -7.42
C VAL A 154 19.08 18.81 -7.77
N LYS A 155 20.28 18.18 -7.73
CA LYS A 155 21.58 18.82 -8.01
C LYS A 155 22.23 18.24 -9.26
N GLN A 156 22.05 16.93 -9.51
CA GLN A 156 22.67 16.23 -10.63
C GLN A 156 21.61 15.56 -11.52
N VAL A 157 21.80 15.68 -12.85
CA VAL A 157 20.96 15.17 -13.94
C VAL A 157 21.93 14.34 -14.77
N LEU A 158 21.90 13.02 -14.58
CA LEU A 158 22.88 12.11 -15.17
C LEU A 158 22.37 11.10 -16.15
N LYS A 159 23.26 10.72 -17.05
CA LYS A 159 23.06 9.64 -18.01
C LYS A 159 23.23 8.32 -17.23
N CYS A 160 22.39 7.33 -17.54
CA CYS A 160 22.47 6.02 -16.92
C CYS A 160 22.11 4.90 -17.87
N ASP A 161 22.65 3.71 -17.65
CA ASP A 161 22.32 2.53 -18.41
C ASP A 161 22.30 1.38 -17.41
N VAL A 162 21.09 0.92 -17.06
CA VAL A 162 20.82 -0.13 -16.08
C VAL A 162 21.46 -1.48 -16.47
N THR A 163 21.72 -1.69 -17.78
CA THR A 163 22.27 -2.94 -18.31
C THR A 163 23.76 -3.10 -18.07
N GLN A 164 24.44 -1.99 -17.70
CA GLN A 164 25.87 -1.94 -17.44
C GLN A 164 26.17 -2.16 -15.97
N SER A 165 27.32 -2.82 -15.65
CA SER A 165 27.76 -3.08 -14.27
C SER A 165 27.97 -1.76 -13.48
N GLN A 166 28.30 -0.67 -14.20
CA GLN A 166 28.42 0.69 -13.68
C GLN A 166 27.34 1.49 -14.43
N PRO A 167 26.10 1.58 -13.87
CA PRO A 167 25.03 2.29 -14.58
C PRO A 167 25.31 3.76 -14.88
N LEU A 168 26.02 4.45 -13.99
CA LEU A 168 26.35 5.87 -14.17
C LEU A 168 27.69 6.10 -14.90
N GLY A 169 28.23 5.02 -15.45
CA GLY A 169 29.47 5.03 -16.22
C GLY A 169 30.70 5.42 -15.42
N ALA A 170 31.40 6.45 -15.91
CA ALA A 170 32.62 6.97 -15.28
C ALA A 170 32.32 8.00 -14.19
N VAL A 171 31.03 8.37 -14.03
CA VAL A 171 30.60 9.38 -13.05
C VAL A 171 30.53 8.78 -11.62
N PRO A 172 31.24 9.38 -10.64
CA PRO A 172 31.18 8.85 -9.27
C PRO A 172 30.07 9.48 -8.44
N LEU A 173 29.53 8.68 -7.51
CA LEU A 173 28.53 9.11 -6.55
C LEU A 173 28.76 8.39 -5.22
N PRO A 174 28.44 9.03 -4.06
CA PRO A 174 28.54 8.30 -2.80
C PRO A 174 27.51 7.16 -2.82
N PRO A 175 27.69 6.05 -2.05
CA PRO A 175 26.66 5.00 -2.04
C PRO A 175 25.34 5.62 -1.56
N ALA A 176 24.26 5.35 -2.31
CA ALA A 176 22.93 5.90 -2.02
C ALA A 176 22.28 5.27 -0.79
N ASP A 177 21.38 6.01 -0.15
CA ASP A 177 20.59 5.50 0.97
C ASP A 177 19.37 4.78 0.36
N CYS A 178 18.94 5.24 -0.83
CA CYS A 178 17.81 4.69 -1.56
C CYS A 178 17.99 4.77 -3.08
N VAL A 179 17.57 3.72 -3.77
CA VAL A 179 17.55 3.71 -5.23
C VAL A 179 16.09 3.45 -5.62
N LEU A 180 15.49 4.42 -6.30
CA LEU A 180 14.11 4.37 -6.77
C LEU A 180 14.07 4.19 -8.28
N SER A 181 13.16 3.33 -8.79
CA SER A 181 12.98 3.17 -10.24
C SER A 181 11.52 2.90 -10.60
N THR A 182 10.83 3.90 -11.21
CA THR A 182 9.43 3.75 -11.63
C THR A 182 9.29 3.55 -13.14
N LEU A 183 8.67 2.44 -13.57
CA LEU A 183 8.37 2.13 -14.97
C LEU A 183 9.60 2.14 -15.92
N CYS A 184 10.77 1.72 -15.40
CA CYS A 184 11.98 1.72 -16.20
C CYS A 184 12.48 0.32 -16.59
N LEU A 185 12.66 -0.59 -15.60
CA LEU A 185 13.27 -1.91 -15.82
C LEU A 185 12.55 -2.80 -16.85
N ASP A 186 11.21 -2.74 -16.94
CA ASP A 186 10.45 -3.52 -17.93
C ASP A 186 10.79 -3.08 -19.35
N ALA A 187 11.05 -1.77 -19.53
CA ALA A 187 11.38 -1.14 -20.81
C ALA A 187 12.85 -1.30 -21.17
N ALA A 188 13.73 -1.39 -20.16
CA ALA A 188 15.16 -1.46 -20.35
C ALA A 188 15.74 -2.86 -20.48
N CYS A 189 15.05 -3.88 -19.99
CA CYS A 189 15.54 -5.25 -19.96
C CYS A 189 14.89 -6.18 -20.99
N PRO A 190 15.69 -6.64 -22.00
CA PRO A 190 15.14 -7.52 -23.05
C PRO A 190 14.74 -8.91 -22.57
N ASP A 191 15.33 -9.39 -21.47
CA ASP A 191 15.03 -10.73 -20.94
C ASP A 191 15.21 -10.78 -19.43
N LEU A 192 14.78 -11.90 -18.79
CA LEU A 192 14.88 -12.13 -17.34
C LEU A 192 16.35 -12.12 -16.85
N PRO A 193 17.35 -12.81 -17.50
CA PRO A 193 18.74 -12.67 -17.04
C PRO A 193 19.20 -11.20 -16.99
N THR A 194 18.89 -10.37 -18.01
CA THR A 194 19.24 -8.93 -18.01
C THR A 194 18.53 -8.22 -16.85
N TYR A 195 17.27 -8.58 -16.60
CA TYR A 195 16.46 -7.99 -15.52
C TYR A 195 17.12 -8.21 -14.15
N CYS A 196 17.51 -9.48 -13.83
CA CYS A 196 18.20 -9.80 -12.58
C CYS A 196 19.55 -9.11 -12.54
N ARG A 197 20.25 -9.08 -13.69
CA ARG A 197 21.54 -8.38 -13.80
C ARG A 197 21.38 -6.90 -13.51
N ALA A 198 20.31 -6.24 -14.03
CA ALA A 198 20.07 -4.81 -13.81
C ALA A 198 19.81 -4.52 -12.34
N LEU A 199 19.13 -5.45 -11.65
CA LEU A 199 18.87 -5.28 -10.21
C LEU A 199 20.18 -5.30 -9.43
N ARG A 200 21.16 -6.14 -9.87
CA ARG A 200 22.49 -6.24 -9.25
C ARG A 200 23.25 -4.96 -9.53
N ASN A 201 23.11 -4.41 -10.75
CA ASN A 201 23.75 -3.16 -11.17
C ASN A 201 23.23 -1.97 -10.39
N LEU A 202 21.93 -1.96 -10.03
CA LEU A 202 21.37 -0.89 -9.21
C LEU A 202 21.87 -0.99 -7.77
N GLY A 203 22.14 -2.21 -7.30
CA GLY A 203 22.66 -2.49 -5.96
C GLY A 203 24.06 -1.95 -5.74
N SER A 204 24.86 -1.87 -6.83
CA SER A 204 26.22 -1.31 -6.79
C SER A 204 26.19 0.20 -6.50
N LEU A 205 25.03 0.85 -6.67
CA LEU A 205 24.85 2.28 -6.37
C LEU A 205 24.30 2.42 -4.96
N LEU A 206 23.99 1.28 -4.31
CA LEU A 206 23.40 1.28 -2.98
C LEU A 206 24.40 0.93 -1.89
N LYS A 207 24.25 1.62 -0.74
CA LYS A 207 25.02 1.37 0.46
C LYS A 207 24.51 0.04 1.05
N PRO A 208 25.35 -0.77 1.74
CA PRO A 208 24.81 -2.02 2.33
C PRO A 208 23.62 -1.68 3.23
N GLY A 209 22.56 -2.48 3.14
CA GLY A 209 21.32 -2.23 3.88
C GLY A 209 20.47 -1.11 3.33
N GLY A 210 20.87 -0.53 2.19
CA GLY A 210 20.14 0.55 1.53
C GLY A 210 18.82 0.08 0.95
N PHE A 211 17.90 1.02 0.69
CA PHE A 211 16.57 0.74 0.16
C PHE A 211 16.46 0.71 -1.37
N LEU A 212 15.73 -0.28 -1.86
CA LEU A 212 15.42 -0.42 -3.28
C LEU A 212 13.91 -0.26 -3.41
N VAL A 213 13.47 0.76 -4.16
CA VAL A 213 12.05 0.99 -4.38
C VAL A 213 11.78 0.80 -5.90
N ILE A 214 10.96 -0.19 -6.28
CA ILE A 214 10.63 -0.44 -7.69
C ILE A 214 9.13 -0.51 -7.91
N MET A 215 8.64 0.25 -8.89
CA MET A 215 7.24 0.21 -9.30
C MET A 215 7.24 0.01 -10.80
N ASP A 216 6.45 -0.96 -11.32
CA ASP A 216 6.43 -1.21 -12.77
C ASP A 216 5.21 -1.99 -13.17
N ALA A 217 5.05 -2.21 -14.47
CA ALA A 217 3.94 -2.94 -15.05
C ALA A 217 4.11 -4.44 -14.96
N LEU A 218 3.00 -5.13 -14.85
CA LEU A 218 3.03 -6.59 -14.84
C LEU A 218 2.53 -7.12 -16.17
N LYS A 219 3.22 -8.13 -16.70
CA LYS A 219 2.83 -8.88 -17.91
C LYS A 219 2.53 -8.02 -19.14
N SER A 220 3.33 -6.96 -19.34
CA SER A 220 3.22 -6.07 -20.49
C SER A 220 4.33 -6.45 -21.49
N SER A 221 3.98 -6.70 -22.77
CA SER A 221 4.94 -7.00 -23.83
C SER A 221 5.28 -5.75 -24.66
N TYR A 222 4.52 -4.63 -24.45
CA TYR A 222 4.75 -3.33 -25.08
C TYR A 222 3.99 -2.21 -24.39
N TYR A 223 4.35 -0.96 -24.74
CA TYR A 223 3.67 0.30 -24.41
C TYR A 223 3.84 1.20 -25.62
N MET A 224 2.92 2.19 -25.78
CA MET A 224 2.88 3.07 -26.94
C MET A 224 2.98 4.52 -26.54
N ILE A 225 3.58 5.36 -27.42
CA ILE A 225 3.58 6.81 -27.29
C ILE A 225 3.00 7.25 -28.65
N GLY A 226 1.68 7.36 -28.70
CA GLY A 226 0.97 7.60 -29.95
C GLY A 226 1.12 6.37 -30.83
N GLU A 227 1.69 6.55 -32.03
CA GLU A 227 1.95 5.47 -33.00
C GLU A 227 3.30 4.76 -32.73
N GLN A 228 4.16 5.36 -31.90
CA GLN A 228 5.45 4.78 -31.61
C GLN A 228 5.37 3.65 -30.57
N LYS A 229 5.73 2.44 -30.99
CA LYS A 229 5.71 1.24 -30.16
C LYS A 229 7.05 1.07 -29.44
N PHE A 230 7.00 0.61 -28.19
CA PHE A 230 8.18 0.34 -27.40
C PHE A 230 8.00 -1.02 -26.77
N SER A 231 9.03 -1.87 -26.82
CA SER A 231 8.98 -3.20 -26.22
C SER A 231 8.95 -3.09 -24.68
N SER A 232 8.34 -4.09 -24.03
CA SER A 232 8.33 -4.21 -22.57
C SER A 232 8.56 -5.69 -22.24
N LEU A 233 9.24 -5.98 -21.12
CA LEU A 233 9.50 -7.35 -20.68
C LEU A 233 8.27 -7.83 -19.90
N PRO A 234 7.54 -8.89 -20.35
CA PRO A 234 6.33 -9.30 -19.65
C PRO A 234 6.62 -10.24 -18.49
N LEU A 235 6.72 -9.68 -17.28
CA LEU A 235 7.00 -10.42 -16.05
C LEU A 235 5.77 -10.50 -15.17
N GLY A 236 5.62 -11.66 -14.53
CA GLY A 236 4.59 -11.88 -13.54
C GLY A 236 5.21 -11.53 -12.19
N ARG A 237 4.40 -11.36 -11.13
CA ARG A 237 4.89 -10.98 -9.81
C ARG A 237 5.91 -11.98 -9.22
N GLU A 238 5.78 -13.27 -9.56
CA GLU A 238 6.67 -14.35 -9.10
C GLU A 238 8.07 -14.15 -9.63
N ALA A 239 8.21 -13.83 -10.95
CA ALA A 239 9.48 -13.60 -11.63
C ALA A 239 10.16 -12.38 -11.06
N VAL A 240 9.39 -11.30 -10.80
CA VAL A 240 9.91 -10.08 -10.18
C VAL A 240 10.49 -10.43 -8.77
N GLU A 241 9.68 -11.10 -7.91
CA GLU A 241 10.10 -11.50 -6.55
C GLU A 241 11.35 -12.38 -6.60
N ALA A 242 11.37 -13.38 -7.51
CA ALA A 242 12.51 -14.29 -7.65
C ALA A 242 13.80 -13.54 -8.04
N ALA A 243 13.72 -12.60 -9.00
CA ALA A 243 14.85 -11.80 -9.47
C ALA A 243 15.43 -10.92 -8.39
N VAL A 244 14.57 -10.25 -7.57
CA VAL A 244 14.97 -9.37 -6.45
C VAL A 244 15.74 -10.20 -5.41
N LYS A 245 15.26 -11.42 -5.12
CA LYS A 245 15.92 -12.34 -4.17
C LYS A 245 17.28 -12.82 -4.73
N GLU A 246 17.30 -13.23 -6.02
CA GLU A 246 18.51 -13.66 -6.73
C GLU A 246 19.55 -12.53 -6.80
N ALA A 247 19.09 -11.26 -6.96
CA ALA A 247 19.96 -10.10 -7.04
C ALA A 247 20.57 -9.67 -5.71
N GLY A 248 20.15 -10.31 -4.61
CA GLY A 248 20.73 -10.01 -3.30
C GLY A 248 20.01 -8.98 -2.46
N TYR A 249 18.67 -8.96 -2.54
CA TYR A 249 17.83 -8.09 -1.71
C TYR A 249 16.90 -8.89 -0.82
N THR A 250 16.32 -8.23 0.19
CA THR A 250 15.34 -8.82 1.07
C THR A 250 14.07 -7.95 0.97
N ILE A 251 12.96 -8.52 0.54
CA ILE A 251 11.72 -7.76 0.33
C ILE A 251 10.99 -7.46 1.65
N GLU A 252 10.65 -6.18 1.87
CA GLU A 252 9.88 -5.79 3.07
C GLU A 252 8.38 -5.83 2.80
N TRP A 253 7.98 -5.41 1.59
CA TRP A 253 6.58 -5.49 1.17
C TRP A 253 6.45 -5.51 -0.34
N PHE A 254 5.36 -6.12 -0.82
CA PHE A 254 5.06 -6.27 -2.23
C PHE A 254 3.56 -6.12 -2.43
N GLU A 255 3.17 -5.16 -3.29
CA GLU A 255 1.77 -4.88 -3.61
C GLU A 255 1.50 -5.00 -5.11
N VAL A 256 0.39 -5.68 -5.46
CA VAL A 256 -0.06 -5.80 -6.85
C VAL A 256 -1.38 -5.06 -6.92
N ILE A 257 -1.60 -4.24 -7.98
CA ILE A 257 -2.88 -3.59 -8.25
C ILE A 257 -3.37 -4.18 -9.56
N SER A 258 -4.69 -4.35 -9.69
CA SER A 258 -5.27 -4.94 -10.90
C SER A 258 -5.43 -3.93 -12.04
N GLN A 259 -5.46 -2.64 -11.71
CA GLN A 259 -5.64 -1.58 -12.69
C GLN A 259 -4.56 -1.58 -13.78
N SER A 260 -5.01 -1.71 -15.03
CA SER A 260 -4.15 -1.71 -16.19
C SER A 260 -4.30 -0.38 -16.93
N TYR A 261 -3.39 -0.13 -17.87
CA TYR A 261 -3.40 1.06 -18.70
C TYR A 261 -4.49 0.91 -19.76
N SER A 262 -4.93 2.03 -20.37
CA SER A 262 -5.94 2.00 -21.45
C SER A 262 -5.43 1.07 -22.56
N SER A 263 -6.37 0.43 -23.28
CA SER A 263 -6.11 -0.53 -24.37
C SER A 263 -5.16 -0.01 -25.43
N THR A 264 -5.28 1.28 -25.73
CA THR A 264 -4.47 2.02 -26.71
C THR A 264 -3.02 2.29 -26.23
N MET A 265 -2.76 2.12 -24.92
CA MET A 265 -1.44 2.40 -24.34
C MET A 265 -0.54 1.20 -24.17
N ALA A 266 -1.05 0.11 -23.55
CA ALA A 266 -0.26 -1.09 -23.22
C ALA A 266 -1.18 -2.29 -22.99
N ASN A 267 -0.60 -3.50 -22.95
CA ASN A 267 -1.31 -4.76 -22.70
C ASN A 267 -0.93 -5.35 -21.32
N ASN A 268 -0.72 -4.49 -20.32
CA ASN A 268 -0.36 -4.97 -18.98
C ASN A 268 -1.53 -5.57 -18.20
N GLU A 269 -1.20 -6.36 -17.18
CA GLU A 269 -2.21 -6.90 -16.29
C GLU A 269 -1.83 -6.35 -14.92
N GLY A 270 -2.16 -5.09 -14.70
CA GLY A 270 -1.89 -4.38 -13.46
C GLY A 270 -0.45 -3.92 -13.30
N LEU A 271 -0.10 -3.49 -12.08
CA LEU A 271 1.24 -3.01 -11.76
C LEU A 271 1.64 -3.52 -10.38
N PHE A 272 2.95 -3.60 -10.11
CA PHE A 272 3.47 -3.97 -8.81
C PHE A 272 4.27 -2.80 -8.23
N SER A 273 4.42 -2.79 -6.90
CA SER A 273 5.24 -1.87 -6.12
C SER A 273 5.91 -2.75 -5.08
N LEU A 274 7.20 -2.51 -4.86
CA LEU A 274 7.93 -3.23 -3.82
C LEU A 274 8.94 -2.34 -3.14
N VAL A 275 9.27 -2.67 -1.89
CA VAL A 275 10.33 -2.06 -1.11
C VAL A 275 11.18 -3.21 -0.60
N ALA A 276 12.49 -3.16 -0.90
CA ALA A 276 13.44 -4.19 -0.50
C ALA A 276 14.67 -3.53 0.11
N ARG A 277 15.52 -4.36 0.77
CA ARG A 277 16.78 -3.89 1.36
C ARG A 277 17.93 -4.70 0.82
N LYS A 278 19.03 -4.02 0.48
CA LYS A 278 20.24 -4.66 -0.05
C LYS A 278 20.92 -5.49 1.05
N LEU A 279 21.18 -6.76 0.76
CA LEU A 279 21.87 -7.63 1.71
C LEU A 279 23.36 -7.29 1.73
N SER A 280 23.83 -6.84 2.91
CA SER A 280 25.16 -6.30 3.23
C SER A 280 26.37 -6.96 2.57
N PHE B 24 -9.67 -27.52 15.91
CA PHE B 24 -9.87 -26.07 15.84
C PHE B 24 -10.69 -25.54 17.01
N THR B 25 -10.34 -24.34 17.54
CA THR B 25 -11.05 -23.68 18.65
C THR B 25 -12.55 -23.52 18.25
N SER B 26 -13.47 -23.98 19.12
CA SER B 26 -14.92 -23.86 18.85
C SER B 26 -15.39 -22.43 19.12
N LYS B 27 -16.45 -21.98 18.40
CA LYS B 27 -17.08 -20.64 18.52
C LYS B 27 -17.29 -20.25 19.97
N ASP B 28 -17.94 -21.14 20.76
CA ASP B 28 -18.28 -20.95 22.17
C ASP B 28 -17.07 -20.62 23.06
N THR B 29 -15.85 -21.03 22.65
CA THR B 29 -14.63 -20.74 23.39
C THR B 29 -14.36 -19.22 23.35
N TYR B 30 -14.81 -18.55 22.28
CA TYR B 30 -14.64 -17.09 22.19
C TYR B 30 -15.48 -16.35 23.19
N LEU B 31 -16.66 -16.87 23.50
CA LEU B 31 -17.56 -16.23 24.47
C LEU B 31 -17.00 -16.27 25.91
N SER B 32 -16.33 -17.39 26.26
CA SER B 32 -15.80 -17.63 27.59
C SER B 32 -14.33 -17.34 27.85
N HIS B 33 -13.45 -17.66 26.87
CA HIS B 33 -12.01 -17.66 27.08
C HIS B 33 -11.22 -16.53 26.46
N PHE B 34 -11.84 -15.71 25.60
CA PHE B 34 -11.16 -14.57 24.97
C PHE B 34 -11.32 -13.41 25.94
N ASN B 35 -10.24 -13.05 26.65
CA ASN B 35 -10.27 -11.97 27.64
C ASN B 35 -9.97 -10.64 26.91
N PRO B 36 -10.96 -9.71 26.81
CA PRO B 36 -10.76 -8.48 26.03
C PRO B 36 -9.63 -7.59 26.50
N ARG B 37 -9.55 -7.34 27.82
CA ARG B 37 -8.52 -6.49 28.42
C ARG B 37 -7.14 -7.10 28.20
N ASP B 38 -7.02 -8.43 28.34
CA ASP B 38 -5.74 -9.11 28.15
C ASP B 38 -5.28 -9.06 26.69
N TYR B 39 -6.22 -9.20 25.75
CA TYR B 39 -5.93 -9.10 24.31
C TYR B 39 -5.38 -7.71 23.95
N LEU B 40 -5.99 -6.64 24.50
CA LEU B 40 -5.57 -5.25 24.27
C LEU B 40 -4.18 -4.97 24.87
N GLU B 41 -3.94 -5.47 26.08
CA GLU B 41 -2.66 -5.34 26.79
C GLU B 41 -1.53 -6.05 26.02
N LYS B 42 -1.82 -7.23 25.45
CA LYS B 42 -0.83 -8.03 24.73
C LYS B 42 -0.51 -7.56 23.32
N TYR B 43 -1.49 -7.00 22.60
CA TYR B 43 -1.24 -6.64 21.21
C TYR B 43 -1.30 -5.18 20.88
N TYR B 44 -2.01 -4.37 21.70
CA TYR B 44 -2.32 -2.98 21.37
C TYR B 44 -1.94 -1.92 22.42
N LYS B 45 -1.06 -2.24 23.38
CA LYS B 45 -0.65 -1.23 24.37
C LYS B 45 0.19 -0.08 23.74
N PHE B 46 0.86 -0.38 22.61
CA PHE B 46 1.65 0.51 21.75
C PHE B 46 2.73 1.32 22.50
N GLY B 47 3.58 0.60 23.23
CA GLY B 47 4.68 1.15 24.00
C GLY B 47 5.88 1.55 23.14
N SER B 48 6.75 2.40 23.72
CA SER B 48 7.97 2.92 23.09
C SER B 48 9.02 1.86 22.70
N ARG B 49 8.96 0.65 23.32
CA ARG B 49 9.89 -0.42 22.97
C ARG B 49 9.40 -1.10 21.70
N HIS B 50 10.25 -1.09 20.65
CA HIS B 50 9.99 -1.56 19.28
C HIS B 50 9.76 -3.09 19.17
N SER B 51 8.60 -3.56 19.67
CA SER B 51 8.20 -4.97 19.57
C SER B 51 7.59 -5.25 18.20
N ALA B 52 7.54 -6.53 17.80
CA ALA B 52 6.93 -6.97 16.54
C ALA B 52 5.43 -6.58 16.47
N GLU B 53 4.74 -6.57 17.65
CA GLU B 53 3.31 -6.23 17.82
C GLU B 53 3.01 -4.77 17.48
N SER B 54 3.91 -3.86 17.86
CA SER B 54 3.81 -2.43 17.57
C SER B 54 4.19 -2.15 16.13
N GLN B 55 5.13 -2.93 15.55
CA GLN B 55 5.53 -2.79 14.14
C GLN B 55 4.37 -3.20 13.23
N ILE B 56 3.65 -4.28 13.60
CA ILE B 56 2.49 -4.75 12.86
C ILE B 56 1.39 -3.72 12.99
N LEU B 57 1.12 -3.23 14.23
CA LEU B 57 0.11 -2.19 14.46
C LEU B 57 0.38 -0.98 13.56
N LYS B 58 1.62 -0.45 13.55
CA LYS B 58 2.01 0.66 12.70
C LYS B 58 1.74 0.35 11.20
N HIS B 59 2.09 -0.86 10.74
CA HIS B 59 1.84 -1.22 9.35
C HIS B 59 0.36 -1.25 9.00
N LEU B 60 -0.48 -1.82 9.88
CA LEU B 60 -1.94 -1.91 9.67
C LEU B 60 -2.51 -0.51 9.51
N LEU B 61 -2.15 0.41 10.44
CA LEU B 61 -2.60 1.81 10.45
C LEU B 61 -2.23 2.56 9.18
N LYS B 62 -0.97 2.44 8.74
CA LYS B 62 -0.52 3.06 7.49
C LYS B 62 -1.32 2.50 6.29
N ASN B 63 -1.57 1.17 6.24
CA ASN B 63 -2.37 0.58 5.15
C ASN B 63 -3.84 1.00 5.19
N LEU B 64 -4.42 1.17 6.39
CA LEU B 64 -5.80 1.62 6.58
C LEU B 64 -5.94 3.09 6.18
N PHE B 65 -4.92 3.90 6.48
CA PHE B 65 -4.91 5.31 6.07
C PHE B 65 -4.85 5.39 4.53
N LYS B 66 -3.99 4.55 3.91
CA LYS B 66 -3.82 4.45 2.45
C LYS B 66 -5.12 4.12 1.75
N ILE B 67 -5.86 3.12 2.25
CA ILE B 67 -7.15 2.69 1.69
C ILE B 67 -8.25 3.75 1.84
N PHE B 68 -8.41 4.32 3.06
CA PHE B 68 -9.53 5.19 3.34
C PHE B 68 -9.35 6.69 3.16
N CYS B 69 -8.26 7.28 3.65
CA CYS B 69 -8.19 8.74 3.65
C CYS B 69 -7.57 9.33 2.39
N LEU B 70 -6.34 8.92 2.03
CA LEU B 70 -5.62 9.47 0.86
C LEU B 70 -6.57 9.94 -0.27
N ASP B 71 -7.45 9.02 -0.70
CA ASP B 71 -8.53 9.17 -1.67
C ASP B 71 -9.39 7.93 -1.31
N GLY B 72 -9.41 6.94 -2.19
CA GLY B 72 -10.03 5.63 -2.00
C GLY B 72 -11.45 5.50 -1.47
N VAL B 73 -11.67 4.38 -0.75
CA VAL B 73 -12.93 3.89 -0.18
C VAL B 73 -13.58 4.88 0.78
N LYS B 74 -14.79 5.31 0.43
CA LYS B 74 -15.64 6.28 1.14
C LYS B 74 -17.13 5.86 1.00
N GLY B 75 -18.00 6.42 1.86
CA GLY B 75 -19.42 6.11 1.78
C GLY B 75 -20.25 6.46 3.00
N ASP B 76 -21.51 6.07 2.97
CA ASP B 76 -22.45 6.32 4.06
C ASP B 76 -22.24 5.35 5.19
N LEU B 77 -22.00 4.05 4.86
CA LEU B 77 -21.92 3.02 5.85
C LEU B 77 -20.78 2.03 5.68
N LEU B 78 -20.07 1.78 6.76
CA LEU B 78 -19.03 0.77 6.82
C LEU B 78 -19.41 -0.20 7.94
N ILE B 79 -19.32 -1.49 7.67
CA ILE B 79 -19.56 -2.51 8.70
C ILE B 79 -18.19 -3.17 8.99
N ASP B 80 -17.74 -3.11 10.25
CA ASP B 80 -16.50 -3.74 10.67
C ASP B 80 -16.86 -5.09 11.30
N ILE B 81 -16.34 -6.16 10.71
CA ILE B 81 -16.61 -7.55 11.09
C ILE B 81 -15.53 -8.15 12.01
N GLY B 82 -15.96 -8.64 13.16
CA GLY B 82 -15.05 -9.26 14.12
C GLY B 82 -14.14 -8.22 14.73
N SER B 83 -14.71 -7.06 15.07
CA SER B 83 -14.01 -5.90 15.65
C SER B 83 -13.23 -6.23 16.92
N GLY B 84 -13.68 -7.25 17.66
CA GLY B 84 -13.10 -7.62 18.95
C GLY B 84 -13.28 -6.44 19.88
N PRO B 85 -12.31 -6.16 20.78
CA PRO B 85 -12.44 -4.98 21.65
C PRO B 85 -11.62 -3.80 21.10
N THR B 86 -11.26 -3.85 19.79
CA THR B 86 -10.37 -2.83 19.25
C THR B 86 -11.07 -1.76 18.40
N ILE B 87 -10.49 -0.55 18.40
CA ILE B 87 -11.00 0.57 17.62
C ILE B 87 -9.97 1.09 16.61
N TYR B 88 -8.70 0.63 16.68
CA TYR B 88 -7.60 1.10 15.81
C TYR B 88 -7.95 1.07 14.30
N GLN B 89 -8.69 0.03 13.87
CA GLN B 89 -9.05 -0.22 12.48
C GLN B 89 -10.10 0.74 11.93
N LEU B 90 -10.66 1.61 12.80
CA LEU B 90 -11.72 2.58 12.43
C LEU B 90 -11.26 4.04 12.45
N LEU B 91 -10.06 4.29 12.97
CA LEU B 91 -9.53 5.64 13.15
C LEU B 91 -9.40 6.42 11.86
N SER B 92 -8.93 5.78 10.77
CA SER B 92 -8.90 6.47 9.48
C SER B 92 -10.28 6.41 8.81
N ALA B 93 -10.98 5.25 8.89
CA ALA B 93 -12.30 5.03 8.30
C ALA B 93 -13.34 6.07 8.68
N CYS B 94 -13.32 6.59 9.95
CA CYS B 94 -14.27 7.58 10.46
C CYS B 94 -14.15 8.94 9.76
N GLU B 95 -13.06 9.14 8.99
CA GLU B 95 -12.90 10.35 8.20
C GLU B 95 -13.67 10.23 6.89
N SER B 96 -13.94 8.99 6.44
CA SER B 96 -14.55 8.67 5.14
C SER B 96 -15.96 8.05 5.16
N PHE B 97 -16.46 7.67 6.36
CA PHE B 97 -17.77 7.04 6.49
C PHE B 97 -18.62 7.73 7.50
N LYS B 98 -19.84 8.12 7.10
CA LYS B 98 -20.80 8.80 7.99
C LYS B 98 -21.15 7.92 9.20
N GLU B 99 -21.37 6.63 8.94
CA GLU B 99 -21.78 5.66 9.92
C GLU B 99 -20.90 4.42 9.87
N ILE B 100 -20.54 3.93 11.04
CA ILE B 100 -19.73 2.74 11.22
C ILE B 100 -20.49 1.84 12.18
N VAL B 101 -20.65 0.57 11.81
CA VAL B 101 -21.27 -0.45 12.66
C VAL B 101 -20.14 -1.41 13.06
N VAL B 102 -19.97 -1.64 14.38
CA VAL B 102 -18.96 -2.53 14.92
C VAL B 102 -19.64 -3.84 15.35
N THR B 103 -19.00 -4.97 15.07
CA THR B 103 -19.62 -6.29 15.33
C THR B 103 -18.62 -7.32 15.83
N ASP B 104 -19.10 -8.33 16.57
CA ASP B 104 -18.25 -9.41 17.06
C ASP B 104 -19.07 -10.57 17.55
N TYR B 105 -18.46 -11.76 17.58
CA TYR B 105 -19.13 -12.92 18.13
C TYR B 105 -19.17 -12.86 19.67
N SER B 106 -18.14 -12.30 20.33
CA SER B 106 -18.05 -12.24 21.79
C SER B 106 -18.76 -11.02 22.39
N ASP B 107 -19.68 -11.29 23.34
CA ASP B 107 -20.42 -10.26 24.08
C ASP B 107 -19.46 -9.47 24.97
N GLN B 108 -18.45 -10.14 25.57
CA GLN B 108 -17.41 -9.52 26.40
C GLN B 108 -16.64 -8.45 25.59
N ASN B 109 -16.32 -8.75 24.31
CA ASN B 109 -15.62 -7.82 23.40
C ASN B 109 -16.45 -6.59 23.11
N LEU B 110 -17.73 -6.78 22.77
CA LEU B 110 -18.70 -5.71 22.49
C LEU B 110 -18.87 -4.78 23.72
N GLN B 111 -18.90 -5.35 24.94
CA GLN B 111 -19.00 -4.53 26.15
C GLN B 111 -17.71 -3.70 26.36
N GLU B 112 -16.53 -4.29 26.04
CA GLU B 112 -15.25 -3.60 26.15
C GLU B 112 -15.19 -2.44 25.17
N LEU B 113 -15.67 -2.65 23.92
CA LEU B 113 -15.82 -1.63 22.87
C LEU B 113 -16.74 -0.51 23.39
N GLU B 114 -17.91 -0.87 23.94
CA GLU B 114 -18.90 0.05 24.48
C GLU B 114 -18.35 0.89 25.65
N LYS B 115 -17.40 0.35 26.46
CA LYS B 115 -16.74 1.13 27.53
C LYS B 115 -15.98 2.31 26.91
N TRP B 116 -15.26 2.07 25.78
CA TRP B 116 -14.52 3.14 25.11
C TRP B 116 -15.44 4.14 24.42
N LEU B 117 -16.45 3.64 23.66
CA LEU B 117 -17.43 4.46 22.93
C LEU B 117 -18.15 5.44 23.86
N LYS B 118 -18.56 4.96 25.02
CA LYS B 118 -19.30 5.74 26.02
C LYS B 118 -18.40 6.59 26.93
N ALA B 119 -17.05 6.50 26.75
CA ALA B 119 -16.01 7.17 27.55
C ALA B 119 -16.26 6.85 29.03
N ALA B 120 -16.53 5.57 29.30
CA ALA B 120 -16.86 5.07 30.63
C ALA B 120 -15.57 4.81 31.40
N PRO B 121 -15.58 4.77 32.77
CA PRO B 121 -14.34 4.42 33.48
C PRO B 121 -13.94 2.99 33.12
N ALA B 122 -12.63 2.68 33.23
CA ALA B 122 -12.05 1.36 32.89
C ALA B 122 -11.92 1.09 31.37
N ALA B 123 -12.28 2.08 30.53
CA ALA B 123 -12.14 2.03 29.08
C ALA B 123 -10.65 1.96 28.76
N PHE B 124 -10.28 1.22 27.71
CA PHE B 124 -8.87 1.11 27.34
C PHE B 124 -8.34 2.47 26.87
N ASP B 125 -7.06 2.74 27.16
CA ASP B 125 -6.42 3.97 26.70
C ASP B 125 -5.83 3.79 25.30
N TRP B 126 -6.53 4.36 24.29
CA TRP B 126 -6.09 4.30 22.89
C TRP B 126 -5.31 5.57 22.45
N SER B 127 -5.11 6.59 23.36
CA SER B 127 -4.42 7.86 23.01
C SER B 127 -3.07 7.68 22.27
N PRO B 128 -2.14 6.73 22.58
CA PRO B 128 -0.93 6.57 21.74
C PRO B 128 -1.23 6.25 20.26
N VAL B 129 -2.22 5.35 20.02
CA VAL B 129 -2.63 4.92 18.67
C VAL B 129 -3.32 6.11 17.97
N VAL B 130 -4.22 6.80 18.68
CA VAL B 130 -4.96 7.98 18.19
C VAL B 130 -3.97 9.05 17.70
N THR B 131 -2.96 9.38 18.52
CA THR B 131 -1.90 10.35 18.19
C THR B 131 -1.14 9.88 16.97
N TYR B 132 -0.79 8.58 16.88
CA TYR B 132 -0.07 8.06 15.70
C TYR B 132 -0.87 8.27 14.40
N VAL B 133 -2.20 7.98 14.43
CA VAL B 133 -3.10 8.18 13.29
C VAL B 133 -3.21 9.68 12.93
N CYS B 134 -3.32 10.55 13.95
CA CYS B 134 -3.36 12.00 13.73
C CYS B 134 -2.12 12.50 12.99
N ASP B 135 -0.92 11.96 13.35
CA ASP B 135 0.35 12.28 12.70
C ASP B 135 0.34 11.83 11.23
N LEU B 136 -0.13 10.58 10.96
CA LEU B 136 -0.23 9.98 9.62
C LEU B 136 -1.05 10.86 8.69
N GLU B 137 -2.17 11.39 9.20
CA GLU B 137 -3.17 12.17 8.48
C GLU B 137 -2.79 13.66 8.25
N GLY B 138 -1.60 14.05 8.71
CA GLY B 138 -1.06 15.38 8.51
C GLY B 138 -1.25 16.37 9.63
N ASN B 139 -1.54 15.87 10.86
CA ASN B 139 -1.76 16.64 12.09
C ASN B 139 -2.87 17.72 11.94
N ARG B 140 -3.92 17.41 11.15
CA ARG B 140 -5.07 18.30 10.91
C ARG B 140 -5.88 18.49 12.19
N VAL B 141 -5.95 17.42 13.01
CA VAL B 141 -6.70 17.38 14.28
C VAL B 141 -5.79 16.78 15.35
N LYS B 142 -6.13 17.03 16.63
CA LYS B 142 -5.45 16.43 17.78
C LYS B 142 -6.31 15.26 18.30
N GLY B 143 -5.71 14.42 19.15
CA GLY B 143 -6.32 13.23 19.76
C GLY B 143 -7.79 13.33 20.16
N PRO B 144 -8.18 14.29 21.06
CA PRO B 144 -9.58 14.37 21.49
C PRO B 144 -10.62 14.57 20.38
N GLU B 145 -10.30 15.38 19.34
CA GLU B 145 -11.22 15.63 18.22
C GLU B 145 -11.38 14.38 17.34
N LYS B 146 -10.30 13.63 17.14
CA LYS B 146 -10.29 12.39 16.36
C LYS B 146 -11.20 11.33 17.03
N GLU B 147 -11.04 11.16 18.36
CA GLU B 147 -11.79 10.21 19.18
C GLU B 147 -13.28 10.51 19.13
N GLU B 148 -13.64 11.81 19.24
CA GLU B 148 -15.04 12.25 19.20
C GLU B 148 -15.63 12.02 17.80
N LYS B 149 -14.83 12.22 16.72
CA LYS B 149 -15.30 11.94 15.36
C LYS B 149 -15.65 10.44 15.24
N LEU B 150 -14.84 9.57 15.88
CA LEU B 150 -15.10 8.13 15.88
C LEU B 150 -16.36 7.76 16.64
N ARG B 151 -16.51 8.26 17.88
CA ARG B 151 -17.66 8.02 18.76
C ARG B 151 -18.96 8.43 18.09
N GLN B 152 -18.93 9.55 17.35
CA GLN B 152 -20.12 10.03 16.65
C GLN B 152 -20.45 9.16 15.43
N ALA B 153 -19.43 8.56 14.79
CA ALA B 153 -19.62 7.73 13.59
C ALA B 153 -20.27 6.39 13.94
N VAL B 154 -19.84 5.78 15.07
CA VAL B 154 -20.33 4.49 15.57
C VAL B 154 -21.75 4.64 16.11
N LYS B 155 -22.72 4.00 15.40
CA LYS B 155 -24.16 4.04 15.71
C LYS B 155 -24.69 2.76 16.32
N GLN B 156 -24.15 1.58 15.91
CA GLN B 156 -24.60 0.25 16.40
C GLN B 156 -23.43 -0.70 16.75
N VAL B 157 -23.61 -1.52 17.81
CA VAL B 157 -22.63 -2.48 18.31
C VAL B 157 -23.37 -3.79 18.29
N LEU B 158 -23.04 -4.65 17.32
CA LEU B 158 -23.86 -5.83 17.14
C LEU B 158 -23.17 -7.17 17.24
N LYS B 159 -23.93 -8.21 17.64
CA LYS B 159 -23.47 -9.59 17.67
C LYS B 159 -23.40 -10.08 16.21
N CYS B 160 -22.34 -10.80 15.90
CA CYS B 160 -22.23 -11.33 14.55
C CYS B 160 -21.52 -12.67 14.52
N ASP B 161 -21.88 -13.50 13.52
CA ASP B 161 -21.29 -14.81 13.29
C ASP B 161 -21.09 -14.96 11.79
N VAL B 162 -19.83 -14.80 11.36
CA VAL B 162 -19.39 -14.87 9.95
C VAL B 162 -19.71 -16.21 9.31
N THR B 163 -19.87 -17.28 10.11
CA THR B 163 -20.17 -18.61 9.58
C THR B 163 -21.66 -18.78 9.22
N GLN B 164 -22.50 -17.77 9.58
CA GLN B 164 -23.94 -17.82 9.33
C GLN B 164 -24.32 -17.08 8.04
N SER B 165 -25.27 -17.61 7.22
CA SER B 165 -25.66 -16.94 5.96
C SER B 165 -26.15 -15.49 6.22
N GLN B 166 -26.73 -15.24 7.41
CA GLN B 166 -27.10 -13.93 7.90
C GLN B 166 -26.19 -13.67 9.11
N PRO B 167 -25.00 -13.05 8.90
CA PRO B 167 -24.07 -12.85 10.03
C PRO B 167 -24.61 -12.00 11.17
N LEU B 168 -25.52 -11.08 10.87
CA LEU B 168 -26.11 -10.22 11.90
C LEU B 168 -27.46 -10.74 12.42
N GLY B 169 -27.74 -12.02 12.15
CA GLY B 169 -28.96 -12.70 12.57
C GLY B 169 -30.22 -12.03 12.07
N ALA B 170 -31.16 -11.75 12.99
CA ALA B 170 -32.44 -11.10 12.70
C ALA B 170 -32.35 -9.61 12.39
N VAL B 171 -31.25 -8.94 12.83
CA VAL B 171 -31.04 -7.50 12.65
C VAL B 171 -30.95 -7.08 11.17
N PRO B 172 -31.91 -6.24 10.68
CA PRO B 172 -31.85 -5.78 9.29
C PRO B 172 -31.03 -4.48 9.13
N LEU B 173 -29.98 -4.52 8.34
CA LEU B 173 -29.15 -3.35 8.11
C LEU B 173 -29.18 -2.94 6.65
N PRO B 174 -29.10 -1.63 6.33
CA PRO B 174 -29.00 -1.23 4.92
C PRO B 174 -27.71 -1.81 4.30
N PRO B 175 -27.67 -2.14 2.99
CA PRO B 175 -26.42 -2.70 2.42
C PRO B 175 -25.31 -1.65 2.54
N ALA B 176 -24.13 -2.11 2.97
CA ALA B 176 -23.00 -1.23 3.24
C ALA B 176 -22.21 -0.88 2.00
N ASP B 177 -21.47 0.24 2.09
CA ASP B 177 -20.57 0.69 1.03
C ASP B 177 -19.22 -0.01 1.16
N CYS B 178 -18.88 -0.44 2.39
CA CYS B 178 -17.63 -1.14 2.70
C CYS B 178 -17.81 -2.13 3.84
N VAL B 179 -17.19 -3.29 3.72
CA VAL B 179 -17.15 -4.28 4.80
C VAL B 179 -15.66 -4.43 5.14
N LEU B 180 -15.33 -4.15 6.41
CA LEU B 180 -13.96 -4.23 6.89
C LEU B 180 -13.82 -5.43 7.84
N SER B 181 -12.68 -6.10 7.84
CA SER B 181 -12.45 -7.21 8.79
C SER B 181 -10.97 -7.40 8.98
N THR B 182 -10.47 -7.01 10.17
CA THR B 182 -9.05 -7.14 10.50
C THR B 182 -8.82 -8.26 11.48
N LEU B 183 -7.93 -9.19 11.14
CA LEU B 183 -7.51 -10.29 12.01
C LEU B 183 -8.67 -11.13 12.59
N CYS B 184 -9.76 -11.35 11.82
CA CYS B 184 -10.92 -12.12 12.26
C CYS B 184 -11.09 -13.46 11.56
N LEU B 185 -11.11 -13.44 10.22
CA LEU B 185 -11.47 -14.60 9.40
C LEU B 185 -10.57 -15.82 9.59
N ASP B 186 -9.28 -15.62 9.81
CA ASP B 186 -8.34 -16.72 10.05
C ASP B 186 -8.72 -17.43 11.34
N ALA B 187 -9.12 -16.63 12.36
CA ALA B 187 -9.52 -17.11 13.70
C ALA B 187 -10.89 -17.80 13.67
N ALA B 188 -11.81 -17.27 12.87
CA ALA B 188 -13.19 -17.74 12.84
C ALA B 188 -13.46 -18.98 11.97
N CYS B 189 -12.61 -19.28 11.00
CA CYS B 189 -12.85 -20.37 10.04
C CYS B 189 -11.95 -21.56 10.22
N PRO B 190 -12.53 -22.77 10.46
CA PRO B 190 -11.69 -23.97 10.67
C PRO B 190 -11.04 -24.55 9.43
N ASP B 191 -11.52 -24.20 8.23
CA ASP B 191 -10.99 -24.70 6.96
C ASP B 191 -11.28 -23.74 5.82
N LEU B 192 -10.66 -24.01 4.65
CA LEU B 192 -10.79 -23.24 3.42
C LEU B 192 -12.25 -23.16 2.89
N PRO B 193 -13.07 -24.25 2.81
CA PRO B 193 -14.48 -24.07 2.37
C PRO B 193 -15.32 -23.17 3.28
N THR B 194 -15.11 -23.23 4.61
CA THR B 194 -15.79 -22.32 5.57
C THR B 194 -15.29 -20.89 5.34
N TYR B 195 -13.97 -20.72 5.08
CA TYR B 195 -13.39 -19.39 4.81
C TYR B 195 -14.08 -18.75 3.59
N CYS B 196 -14.26 -19.54 2.51
CA CYS B 196 -14.94 -19.10 1.30
C CYS B 196 -16.41 -18.72 1.58
N ARG B 197 -17.13 -19.53 2.39
CA ARG B 197 -18.52 -19.26 2.78
C ARG B 197 -18.59 -18.01 3.63
N ALA B 198 -17.62 -17.82 4.55
CA ALA B 198 -17.63 -16.62 5.41
C ALA B 198 -17.53 -15.36 4.52
N LEU B 199 -16.66 -15.40 3.48
CA LEU B 199 -16.51 -14.30 2.51
C LEU B 199 -17.82 -14.02 1.79
N ARG B 200 -18.57 -15.10 1.41
CA ARG B 200 -19.89 -14.98 0.78
C ARG B 200 -20.87 -14.35 1.75
N ASN B 201 -20.88 -14.83 3.03
CA ASN B 201 -21.74 -14.33 4.12
C ASN B 201 -21.52 -12.85 4.39
N LEU B 202 -20.24 -12.38 4.32
CA LEU B 202 -19.89 -10.96 4.48
C LEU B 202 -20.43 -10.15 3.31
N GLY B 203 -20.36 -10.72 2.11
CA GLY B 203 -20.87 -10.09 0.90
C GLY B 203 -22.36 -9.85 0.90
N SER B 204 -23.14 -10.67 1.61
CA SER B 204 -24.58 -10.48 1.74
C SER B 204 -24.89 -9.11 2.43
N LEU B 205 -23.90 -8.54 3.17
CA LEU B 205 -24.03 -7.25 3.87
C LEU B 205 -23.55 -6.07 3.00
N LEU B 206 -23.01 -6.37 1.82
CA LEU B 206 -22.40 -5.41 0.93
C LEU B 206 -23.26 -5.13 -0.26
N LYS B 207 -23.30 -3.86 -0.70
CA LYS B 207 -24.04 -3.52 -1.91
C LYS B 207 -23.21 -3.94 -3.14
N PRO B 208 -23.85 -4.21 -4.32
CA PRO B 208 -23.05 -4.52 -5.54
C PRO B 208 -22.05 -3.40 -5.82
N GLY B 209 -20.82 -3.78 -6.15
CA GLY B 209 -19.77 -2.80 -6.39
C GLY B 209 -19.17 -2.22 -5.12
N GLY B 210 -19.65 -2.70 -3.97
CA GLY B 210 -19.17 -2.30 -2.64
C GLY B 210 -17.80 -2.87 -2.37
N PHE B 211 -17.03 -2.21 -1.48
CA PHE B 211 -15.68 -2.64 -1.15
C PHE B 211 -15.54 -3.59 0.03
N LEU B 212 -14.71 -4.61 -0.14
CA LEU B 212 -14.34 -5.57 0.90
C LEU B 212 -12.87 -5.30 1.26
N VAL B 213 -12.61 -5.02 2.54
CA VAL B 213 -11.23 -4.75 2.99
C VAL B 213 -10.87 -5.79 4.05
N ILE B 214 -9.90 -6.68 3.73
CA ILE B 214 -9.46 -7.70 4.69
C ILE B 214 -7.97 -7.55 4.97
N MET B 215 -7.60 -7.59 6.26
CA MET B 215 -6.20 -7.62 6.70
C MET B 215 -6.13 -8.81 7.66
N ASP B 216 -5.12 -9.68 7.51
CA ASP B 216 -5.02 -10.86 8.40
C ASP B 216 -3.64 -11.48 8.32
N ALA B 217 -3.39 -12.49 9.17
CA ALA B 217 -2.10 -13.16 9.21
C ALA B 217 -1.94 -14.19 8.06
N LEU B 218 -0.70 -14.36 7.57
CA LEU B 218 -0.44 -15.41 6.56
C LEU B 218 0.18 -16.62 7.26
N LYS B 219 -0.28 -17.84 6.90
CA LYS B 219 0.25 -19.14 7.35
C LYS B 219 0.39 -19.29 8.88
N SER B 220 -0.59 -18.76 9.63
CA SER B 220 -0.61 -18.84 11.08
C SER B 220 -1.57 -19.97 11.48
N SER B 221 -1.10 -20.92 12.33
CA SER B 221 -1.95 -22.04 12.79
C SER B 221 -2.47 -21.83 14.22
N TYR B 222 -1.98 -20.78 14.89
CA TYR B 222 -2.40 -20.32 16.22
C TYR B 222 -1.94 -18.89 16.51
N TYR B 223 -2.51 -18.31 17.57
CA TYR B 223 -2.17 -17.05 18.19
C TYR B 223 -2.47 -17.19 19.69
N MET B 224 -1.73 -16.43 20.51
CA MET B 224 -1.80 -16.52 21.96
C MET B 224 -2.28 -15.24 22.62
N ILE B 225 -3.00 -15.36 23.74
CA ILE B 225 -3.37 -14.21 24.59
C ILE B 225 -2.86 -14.69 25.94
N GLY B 226 -1.60 -14.38 26.24
CA GLY B 226 -0.94 -14.90 27.43
C GLY B 226 -0.70 -16.38 27.22
N GLU B 227 -1.17 -17.22 28.15
CA GLU B 227 -1.03 -18.68 28.05
C GLU B 227 -2.21 -19.33 27.32
N GLN B 228 -3.24 -18.54 26.96
CA GLN B 228 -4.38 -19.08 26.22
C GLN B 228 -4.10 -19.19 24.72
N LYS B 229 -4.23 -20.40 24.18
CA LYS B 229 -4.06 -20.65 22.76
C LYS B 229 -5.41 -20.59 22.05
N PHE B 230 -5.42 -20.02 20.85
CA PHE B 230 -6.56 -19.93 19.93
C PHE B 230 -6.06 -20.43 18.58
N SER B 231 -6.87 -21.24 17.92
CA SER B 231 -6.57 -21.75 16.58
C SER B 231 -6.57 -20.61 15.56
N SER B 232 -5.86 -20.80 14.44
CA SER B 232 -5.85 -19.87 13.33
C SER B 232 -5.76 -20.72 12.06
N LEU B 233 -6.49 -20.35 10.98
CA LEU B 233 -6.41 -21.12 9.73
C LEU B 233 -5.13 -20.71 8.96
N PRO B 234 -4.18 -21.65 8.70
CA PRO B 234 -2.94 -21.24 8.06
C PRO B 234 -3.08 -21.12 6.55
N LEU B 235 -3.41 -19.93 6.08
CA LEU B 235 -3.58 -19.69 4.65
C LEU B 235 -2.43 -18.89 4.09
N GLY B 236 -2.02 -19.24 2.88
CA GLY B 236 -1.00 -18.53 2.11
C GLY B 236 -1.69 -17.52 1.22
N ARG B 237 -0.95 -16.63 0.58
CA ARG B 237 -1.56 -15.58 -0.27
C ARG B 237 -2.38 -16.13 -1.46
N GLU B 238 -1.94 -17.25 -2.04
CA GLU B 238 -2.61 -17.86 -3.19
C GLU B 238 -4.00 -18.39 -2.82
N ALA B 239 -4.14 -19.04 -1.64
CA ALA B 239 -5.45 -19.54 -1.20
C ALA B 239 -6.40 -18.39 -0.83
N VAL B 240 -5.88 -17.29 -0.20
CA VAL B 240 -6.68 -16.11 0.15
C VAL B 240 -7.26 -15.45 -1.12
N GLU B 241 -6.40 -15.12 -2.07
CA GLU B 241 -6.79 -14.54 -3.36
C GLU B 241 -7.82 -15.44 -4.07
N ALA B 242 -7.55 -16.76 -4.18
CA ALA B 242 -8.47 -17.68 -4.84
C ALA B 242 -9.85 -17.77 -4.14
N ALA B 243 -9.90 -17.76 -2.80
CA ALA B 243 -11.16 -17.83 -2.05
C ALA B 243 -12.00 -16.56 -2.25
N VAL B 244 -11.34 -15.40 -2.37
CA VAL B 244 -11.99 -14.10 -2.58
C VAL B 244 -12.66 -14.09 -3.99
N LYS B 245 -11.94 -14.58 -5.02
CA LYS B 245 -12.49 -14.70 -6.39
C LYS B 245 -13.66 -15.70 -6.42
N GLU B 246 -13.49 -16.86 -5.76
CA GLU B 246 -14.52 -17.91 -5.65
C GLU B 246 -15.82 -17.41 -4.98
N ALA B 247 -15.68 -16.53 -3.97
CA ALA B 247 -16.79 -15.92 -3.23
C ALA B 247 -17.50 -14.78 -3.98
N GLY B 248 -17.04 -14.45 -5.19
CA GLY B 248 -17.69 -13.44 -6.03
C GLY B 248 -17.21 -12.01 -5.92
N TYR B 249 -15.89 -11.81 -5.80
CA TYR B 249 -15.28 -10.49 -5.73
C TYR B 249 -14.19 -10.35 -6.77
N THR B 250 -13.90 -9.12 -7.15
CA THR B 250 -12.76 -8.83 -8.01
C THR B 250 -11.72 -8.19 -7.12
N ILE B 251 -10.47 -8.60 -7.25
CA ILE B 251 -9.36 -8.05 -6.47
C ILE B 251 -8.94 -6.72 -7.06
N GLU B 252 -8.89 -5.66 -6.23
CA GLU B 252 -8.46 -4.31 -6.60
C GLU B 252 -6.98 -4.26 -6.31
N TRP B 253 -6.60 -4.59 -5.07
CA TRP B 253 -5.19 -4.68 -4.74
C TRP B 253 -4.92 -5.68 -3.64
N PHE B 254 -3.68 -6.15 -3.65
CA PHE B 254 -3.23 -7.18 -2.73
C PHE B 254 -1.80 -6.92 -2.31
N GLU B 255 -1.57 -6.78 -0.99
CA GLU B 255 -0.24 -6.55 -0.44
C GLU B 255 0.18 -7.59 0.56
N VAL B 256 1.42 -8.05 0.45
CA VAL B 256 2.04 -9.00 1.38
C VAL B 256 3.13 -8.21 2.13
N ILE B 257 3.11 -8.28 3.48
CA ILE B 257 4.12 -7.65 4.35
C ILE B 257 4.90 -8.79 5.03
N SER B 258 6.23 -8.70 5.03
CA SER B 258 7.10 -9.76 5.54
C SER B 258 7.10 -9.90 7.09
N GLN B 259 6.82 -8.78 7.79
CA GLN B 259 6.76 -8.69 9.26
C GLN B 259 5.77 -9.68 9.89
N SER B 260 6.27 -10.46 10.86
CA SER B 260 5.56 -11.48 11.62
C SER B 260 5.44 -11.05 13.08
N TYR B 261 4.53 -11.69 13.86
CA TYR B 261 4.38 -11.41 15.30
C TYR B 261 5.55 -12.04 16.05
N SER B 262 5.68 -11.76 17.36
CA SER B 262 6.73 -12.36 18.18
C SER B 262 6.46 -13.89 18.21
N SER B 263 7.52 -14.72 18.15
CA SER B 263 7.36 -16.20 18.08
C SER B 263 6.62 -16.81 19.30
N THR B 264 6.58 -16.06 20.41
CA THR B 264 5.89 -16.44 21.64
C THR B 264 4.40 -16.04 21.56
N MET B 265 4.01 -15.26 20.52
CA MET B 265 2.63 -14.76 20.31
C MET B 265 1.87 -15.51 19.21
N ALA B 266 2.53 -15.79 18.05
CA ALA B 266 1.94 -16.53 16.90
C ALA B 266 3.04 -17.11 16.02
N ASN B 267 2.70 -17.99 15.08
CA ASN B 267 3.68 -18.61 14.18
C ASN B 267 3.45 -18.20 12.72
N ASN B 268 2.97 -16.98 12.49
CA ASN B 268 2.66 -16.51 11.14
C ASN B 268 3.90 -16.21 10.27
N GLU B 269 3.71 -16.18 8.94
CA GLU B 269 4.74 -15.83 7.96
C GLU B 269 4.24 -14.60 7.16
N GLY B 270 4.23 -13.47 7.86
CA GLY B 270 3.78 -12.21 7.29
C GLY B 270 2.31 -11.91 7.46
N LEU B 271 1.85 -10.83 6.82
CA LEU B 271 0.47 -10.37 6.86
C LEU B 271 0.08 -9.89 5.49
N PHE B 272 -1.21 -9.99 5.14
CA PHE B 272 -1.70 -9.47 3.88
C PHE B 272 -2.70 -8.37 4.19
N SER B 273 -2.94 -7.56 3.17
CA SER B 273 -3.95 -6.54 3.17
C SER B 273 -4.55 -6.64 1.77
N LEU B 274 -5.87 -6.71 1.68
CA LEU B 274 -6.54 -6.77 0.38
C LEU B 274 -7.71 -5.85 0.31
N VAL B 275 -7.97 -5.32 -0.88
CA VAL B 275 -9.13 -4.50 -1.23
C VAL B 275 -9.78 -5.20 -2.44
N ALA B 276 -11.02 -5.65 -2.28
CA ALA B 276 -11.77 -6.32 -3.33
C ALA B 276 -13.11 -5.59 -3.54
N ARG B 277 -13.76 -5.82 -4.68
CA ARG B 277 -15.08 -5.27 -4.96
C ARG B 277 -16.05 -6.38 -5.23
N LYS B 278 -17.26 -6.31 -4.64
CA LYS B 278 -18.30 -7.30 -4.85
C LYS B 278 -18.91 -7.11 -6.25
N LEU B 279 -19.17 -8.22 -6.97
CA LEU B 279 -19.80 -8.18 -8.31
C LEU B 279 -21.31 -7.85 -8.20
N SER B 280 -21.95 -7.44 -9.34
CA SER B 280 -23.40 -7.13 -9.40
C SER B 280 -24.35 -8.36 -9.44
N SAH C . 10.30 6.98 -14.71
CA SAH C . 9.43 7.54 -15.76
CB SAH C . 9.72 7.04 -17.22
CG SAH C . 9.49 5.54 -17.39
SD SAH C . 9.54 5.25 -19.18
C SAH C . 7.97 7.22 -15.29
O SAH C . 7.71 6.72 -14.21
OXT SAH C . 7.08 7.53 -16.19
C5' SAH C . 11.03 4.25 -19.41
C4' SAH C . 12.31 5.05 -19.26
O4' SAH C . 13.45 4.16 -19.21
C3' SAH C . 12.61 6.07 -20.37
O3' SAH C . 12.83 7.36 -19.82
C2' SAH C . 13.85 5.51 -21.07
O2' SAH C . 14.68 6.50 -21.66
C1' SAH C . 14.53 4.77 -19.90
N9 SAH C . 15.49 3.74 -20.28
C8 SAH C . 15.37 2.83 -21.32
N7 SAH C . 16.37 1.99 -21.40
C5 SAH C . 17.20 2.36 -20.37
C6 SAH C . 18.45 1.85 -19.92
N6 SAH C . 19.10 0.85 -20.51
N1 SAH C . 19.00 2.43 -18.83
C2 SAH C . 18.37 3.46 -18.25
N3 SAH C . 17.21 4.04 -18.59
C4 SAH C . 16.67 3.44 -19.66
C2 A1IQR D . 6.23 2.61 -19.32
C7 A1IQR D . 3.13 0.55 -19.48
C8 A1IQR D . 3.66 -0.72 -19.64
C9 A1IQR D . 5.03 -0.92 -19.70
C10 A1IQR D . 5.87 0.17 -19.60
C11 A1IQR D . 5.34 1.44 -19.44
N1 A1IQR D . 7.56 2.33 -19.10
N3 A1IQR D . 5.80 3.83 -19.34
C4 A1IQR D . 4.38 4.07 -19.62
C5 A1IQR D . 3.42 2.99 -19.18
C6 A1IQR D . 3.98 1.63 -19.38
N SAH E . -10.55 -7.00 14.77
CA SAH E . -9.75 -7.14 16.01
CB SAH E . -9.88 -8.52 16.75
CG SAH E . -9.44 -9.71 15.89
SD SAH E . -9.23 -11.12 17.01
C SAH E . -8.26 -6.84 15.63
O SAH E . -7.94 -6.38 14.57
OXT SAH E . -7.40 -7.13 16.57
C5' SAH E . -10.40 -12.35 16.37
C4' SAH E . -11.83 -11.94 16.64
O4' SAH E . -12.73 -12.77 15.89
C3' SAH E . -12.32 -11.95 18.10
O3' SAH E . -12.88 -10.68 18.40
C2' SAH E . -13.41 -13.04 18.10
O2' SAH E . -14.44 -12.84 19.06
C1' SAH E . -13.91 -12.95 16.66
N9 SAH E . -14.64 -14.11 16.14
C8 SAH E . -14.36 -15.44 16.33
N7 SAH E . -15.21 -16.25 15.74
C5 SAH E . -16.10 -15.38 15.10
C6 SAH E . -17.26 -15.62 14.33
N6 SAH E . -17.69 -16.83 13.99
N1 SAH E . -17.94 -14.53 13.89
C2 SAH E . -17.49 -13.31 14.21
N3 SAH E . -16.42 -12.98 14.93
C4 SAH E . -15.75 -14.07 15.34
C2 A1IQR F . -5.34 -12.54 15.63
C7 A1IQR F . -1.81 -13.44 14.92
C8 A1IQR F . -1.97 -14.55 14.09
C9 A1IQR F . -3.24 -14.99 13.77
C10 A1IQR F . -4.34 -14.33 14.27
C11 A1IQR F . -4.17 -13.24 15.10
N1 A1IQR F . -6.56 -12.91 15.09
N3 A1IQR F . -5.26 -11.63 16.57
C4 A1IQR F . -3.94 -11.31 17.14
C5 A1IQR F . -2.72 -11.59 16.29
C6 A1IQR F . -2.91 -12.79 15.42
#